data_6TWF
#
_entry.id   6TWF
#
_cell.length_a   54.453
_cell.length_b   97.217
_cell.length_c   234.369
_cell.angle_alpha   90.000
_cell.angle_beta   90.000
_cell.angle_gamma   90.000
#
_symmetry.space_group_name_H-M   'C 2 2 21'
#
loop_
_entity.id
_entity.type
_entity.pdbx_description
1 polymer "5'-nucleotidase"
2 non-polymer 'ZINC ION'
3 non-polymer 'CALCIUM ION'
4 non-polymer '[[(2~{R},3~{S},4~{R},5~{R})-5-(6-azanyl-2-piperazin-4-ium-1-yl-purin-9-yl)-3,4-bis(oxidanyl)oxolan-2-yl]methoxy-oxidanyl-phosphoryl]methylphosphonic acid'
5 water water
#
_entity_poly.entity_id   1
_entity_poly.type   'polypeptide(L)'
_entity_poly.pdbx_seq_one_letter_code
;MWELTILHTNDVHSRLEQTSEDSSKCVDASRCMGGVARLFTKVQQIRRAEPNVLLLDAGDQYQGTIWFTVYKGAEVAHFM
NALRYDAMALGNHEFDNGVEGLIEPLLKEAKFPILSANIKAKGPLASQISGLYLPYKVLPVGDEVVGIVGYTSKETPFLS
NPGTNLVFEDEITALQPEVDKLKTLNVNKIIALGHSGFEMDKLIAQKVRGVDVVVGGHSNTFLYTGNPPSKEVPAGKYPF
IVTSDDGRKVPVVQAYAFGKYLGYLKIEFDERGNVISSHGNPILLDSSIPEDPSIKADINKWRIKLDDYSTQELGKTIVY
LDGSSQSCRFRECNMGNLICDAMINNNLRHADEMFWNHVSMCILNGGGIRSPIDERNDGTITWENLAAVLPFGGTFDLVQ
LKGSTLKKAFEHSVHRYGQSTGEFLQVGGIHVVYDLSRKPGDRVVKLDVLCTKCRVPSYDPLKMDEVYKVILPNFLANGG
DGFQMIKDELLRHDSGDQDINVVSTYISKMKVIYPAVEGRIKFSLEHHHHHH
;
_entity_poly.pdbx_strand_id   A
#
# COMPACT_ATOMS: atom_id res chain seq x y z
N MET A 1 13.51 -32.87 14.91
CA MET A 1 13.24 -31.68 14.10
C MET A 1 11.78 -31.67 13.60
N TRP A 2 11.13 -30.52 13.68
CA TRP A 2 9.76 -30.33 13.21
C TRP A 2 9.79 -29.18 12.22
N GLU A 3 9.45 -29.45 10.96
CA GLU A 3 9.50 -28.42 9.93
C GLU A 3 8.14 -27.78 9.67
N LEU A 4 8.10 -26.44 9.59
CA LEU A 4 6.90 -25.66 9.29
C LEU A 4 7.16 -24.82 8.05
N THR A 5 6.22 -24.82 7.11
CA THR A 5 6.27 -23.98 5.91
C THR A 5 5.27 -22.84 6.10
N ILE A 6 5.76 -21.59 6.09
CA ILE A 6 4.90 -20.42 6.19
C ILE A 6 4.75 -19.85 4.80
N LEU A 7 3.52 -19.79 4.33
CA LEU A 7 3.18 -19.19 3.06
C LEU A 7 2.55 -17.86 3.42
N HIS A 8 2.96 -16.77 2.77
CA HIS A 8 2.41 -15.50 3.18
C HIS A 8 2.24 -14.47 2.08
N THR A 9 1.20 -13.66 2.23
CA THR A 9 0.87 -12.54 1.34
C THR A 9 0.68 -11.25 2.17
N ASN A 10 0.81 -10.09 1.55
CA ASN A 10 0.61 -8.80 2.22
C ASN A 10 0.35 -7.75 1.18
N ASP A 11 -0.42 -6.74 1.55
CA ASP A 11 -0.71 -5.62 0.66
C ASP A 11 -1.21 -6.07 -0.74
N VAL A 12 -2.08 -7.09 -0.77
CA VAL A 12 -2.68 -7.62 -2.00
C VAL A 12 -3.48 -6.53 -2.69
N HIS A 13 -4.18 -5.68 -1.93
CA HIS A 13 -4.85 -4.48 -2.45
C HIS A 13 -5.79 -4.76 -3.67
N SER A 14 -6.72 -5.69 -3.47
CA SER A 14 -7.79 -6.03 -4.42
C SER A 14 -7.33 -6.51 -5.79
N ARG A 15 -6.12 -7.10 -5.89
CA ARG A 15 -5.65 -7.68 -7.15
C ARG A 15 -6.10 -9.13 -7.18
N LEU A 16 -7.43 -9.31 -7.27
CA LEU A 16 -8.07 -10.64 -7.29
C LEU A 16 -7.77 -11.35 -8.60
N GLU A 17 -7.80 -10.61 -9.69
CA GLU A 17 -7.48 -11.16 -11.00
C GLU A 17 -6.00 -11.03 -11.25
N GLN A 18 -5.47 -11.87 -12.16
CA GLN A 18 -4.09 -11.76 -12.61
C GLN A 18 -3.90 -10.38 -13.21
N THR A 19 -2.69 -9.87 -13.15
CA THR A 19 -2.36 -8.51 -13.58
C THR A 19 -1.20 -8.52 -14.52
N SER A 20 -0.88 -7.35 -15.02
CA SER A 20 0.29 -7.15 -15.85
C SER A 20 1.46 -7.19 -14.85
N GLU A 21 2.70 -7.33 -15.32
CA GLU A 21 3.89 -7.31 -14.45
C GLU A 21 3.94 -6.07 -13.52
N ASP A 22 3.39 -4.91 -13.95
CA ASP A 22 3.35 -3.70 -13.10
C ASP A 22 2.14 -3.61 -12.14
N SER A 23 1.38 -4.70 -12.00
CA SER A 23 0.21 -4.86 -11.15
C SER A 23 -1.04 -4.08 -11.64
N SER A 24 -1.00 -3.49 -12.86
CA SER A 24 -2.17 -2.86 -13.45
C SER A 24 -2.95 -3.96 -14.22
N LYS A 25 -4.06 -3.57 -14.86
CA LYS A 25 -4.95 -4.50 -15.57
C LYS A 25 -4.25 -5.49 -16.51
N CYS A 26 -4.67 -6.75 -16.48
CA CYS A 26 -4.11 -7.75 -17.38
C CYS A 26 -4.69 -7.55 -18.79
N VAL A 27 -3.83 -7.31 -19.80
CA VAL A 27 -4.27 -7.24 -21.19
C VAL A 27 -3.71 -8.46 -21.96
N ASP A 28 -2.38 -8.64 -21.96
CA ASP A 28 -1.71 -9.79 -22.62
C ASP A 28 -1.65 -10.97 -21.64
N ALA A 29 -2.73 -11.75 -21.57
CA ALA A 29 -2.89 -12.91 -20.67
C ALA A 29 -1.70 -13.87 -20.62
N SER A 30 -1.06 -14.14 -21.76
CA SER A 30 0.11 -15.01 -21.89
C SER A 30 1.27 -14.66 -20.94
N ARG A 31 1.45 -13.35 -20.59
CA ARG A 31 2.53 -12.88 -19.71
C ARG A 31 2.02 -12.27 -18.39
N CYS A 32 0.75 -12.51 -18.01
CA CYS A 32 0.21 -11.97 -16.76
C CYS A 32 0.65 -12.80 -15.53
N MET A 33 0.47 -12.21 -14.35
CA MET A 33 0.97 -12.72 -13.09
C MET A 33 -0.04 -12.53 -11.97
N GLY A 34 0.19 -13.20 -10.85
CA GLY A 34 -0.62 -13.04 -9.65
C GLY A 34 -2.06 -13.49 -9.79
N GLY A 35 -2.93 -12.88 -9.00
CA GLY A 35 -4.33 -13.24 -8.97
C GLY A 35 -4.56 -14.42 -8.05
N VAL A 36 -5.76 -14.53 -7.52
CA VAL A 36 -6.05 -15.59 -6.53
C VAL A 36 -6.14 -17.02 -7.15
N ALA A 37 -6.46 -17.17 -8.46
CA ALA A 37 -6.54 -18.49 -9.09
C ALA A 37 -5.15 -19.11 -9.21
N ARG A 38 -4.14 -18.30 -9.59
CA ARG A 38 -2.76 -18.76 -9.72
C ARG A 38 -2.17 -19.05 -8.35
N LEU A 39 -2.44 -18.17 -7.37
CA LEU A 39 -1.99 -18.35 -5.98
C LEU A 39 -2.52 -19.68 -5.45
N PHE A 40 -3.81 -19.97 -5.71
CA PHE A 40 -4.43 -21.25 -5.27
C PHE A 40 -3.64 -22.46 -5.75
N THR A 41 -3.31 -22.47 -7.04
CA THR A 41 -2.56 -23.56 -7.64
C THR A 41 -1.24 -23.75 -6.88
N LYS A 42 -0.49 -22.66 -6.66
CA LYS A 42 0.77 -22.79 -5.94
C LYS A 42 0.58 -23.24 -4.52
N VAL A 43 -0.39 -22.69 -3.81
CA VAL A 43 -0.63 -23.07 -2.41
C VAL A 43 -0.98 -24.57 -2.31
N GLN A 44 -1.85 -25.03 -3.21
CA GLN A 44 -2.26 -26.45 -3.23
C GLN A 44 -1.08 -27.37 -3.49
N GLN A 45 -0.20 -26.99 -4.45
CA GLN A 45 1.03 -27.72 -4.77
C GLN A 45 1.90 -27.87 -3.51
N ILE A 46 2.04 -26.80 -2.73
CA ILE A 46 2.85 -26.84 -1.50
C ILE A 46 2.18 -27.68 -0.42
N ARG A 47 0.86 -27.51 -0.23
CA ARG A 47 0.08 -28.30 0.75
C ARG A 47 0.15 -29.81 0.44
N ARG A 48 0.23 -30.18 -0.84
CA ARG A 48 0.35 -31.60 -1.20
C ARG A 48 1.70 -32.16 -0.77
N ALA A 49 2.76 -31.36 -0.86
CA ALA A 49 4.15 -31.78 -0.61
C ALA A 49 4.61 -31.68 0.81
N GLU A 50 4.12 -30.69 1.57
CA GLU A 50 4.56 -30.41 2.92
C GLU A 50 3.41 -30.69 3.91
N PRO A 51 3.65 -31.47 4.95
CA PRO A 51 2.57 -31.75 5.91
C PRO A 51 2.21 -30.61 6.85
N ASN A 52 3.16 -29.71 7.25
CA ASN A 52 2.91 -28.60 8.19
C ASN A 52 3.00 -27.27 7.47
N VAL A 53 1.85 -26.77 7.03
CA VAL A 53 1.76 -25.54 6.24
C VAL A 53 0.80 -24.55 6.90
N LEU A 54 1.17 -23.26 6.88
CA LEU A 54 0.32 -22.16 7.32
C LEU A 54 0.32 -21.13 6.22
N LEU A 55 -0.88 -20.71 5.80
CA LEU A 55 -1.04 -19.68 4.79
C LEU A 55 -1.52 -18.46 5.56
N LEU A 56 -0.72 -17.37 5.55
CA LEU A 56 -1.02 -16.16 6.33
C LEU A 56 -1.08 -14.92 5.49
N ASP A 57 -1.87 -13.94 5.93
CA ASP A 57 -1.94 -12.62 5.28
C ASP A 57 -1.62 -11.54 6.31
N ALA A 58 -0.70 -10.62 5.97
CA ALA A 58 -0.28 -9.54 6.86
C ALA A 58 -0.99 -8.19 6.62
N GLY A 59 -2.24 -8.22 6.13
CA GLY A 59 -3.09 -7.04 5.99
C GLY A 59 -3.05 -6.35 4.64
N ASP A 60 -3.92 -5.36 4.53
CA ASP A 60 -4.10 -4.53 3.36
C ASP A 60 -4.57 -5.32 2.13
N GLN A 61 -5.57 -6.19 2.34
CA GLN A 61 -6.29 -6.88 1.29
C GLN A 61 -7.25 -5.82 0.68
N TYR A 62 -7.82 -4.98 1.57
CA TYR A 62 -8.72 -3.89 1.22
C TYR A 62 -8.06 -2.81 0.39
N GLN A 63 -8.81 -2.30 -0.60
CA GLN A 63 -8.55 -1.11 -1.44
C GLN A 63 -7.52 -1.31 -2.55
N GLY A 64 -7.86 -0.85 -3.76
CA GLY A 64 -6.92 -0.87 -4.87
C GLY A 64 -7.52 -0.99 -6.26
N THR A 65 -8.63 -1.73 -6.41
CA THR A 65 -9.25 -1.92 -7.71
C THR A 65 -10.75 -1.82 -7.57
N ILE A 66 -11.43 -1.83 -8.73
CA ILE A 66 -12.88 -1.79 -8.84
C ILE A 66 -13.53 -2.97 -8.10
N TRP A 67 -12.79 -4.09 -7.88
CA TRP A 67 -13.28 -5.22 -7.06
C TRP A 67 -13.69 -4.75 -5.67
N PHE A 68 -12.88 -3.89 -5.05
CA PHE A 68 -13.19 -3.38 -3.71
C PHE A 68 -14.18 -2.23 -3.76
N THR A 69 -14.10 -1.36 -4.77
CA THR A 69 -15.09 -0.28 -4.87
C THR A 69 -16.52 -0.85 -4.95
N VAL A 70 -16.67 -2.00 -5.64
CA VAL A 70 -17.96 -2.66 -5.86
C VAL A 70 -18.33 -3.68 -4.76
N TYR A 71 -17.44 -4.61 -4.39
CA TYR A 71 -17.75 -5.66 -3.38
C TYR A 71 -17.43 -5.26 -1.92
N LYS A 72 -16.61 -4.20 -1.70
CA LYS A 72 -16.31 -3.63 -0.39
C LYS A 72 -15.83 -4.63 0.69
N GLY A 73 -15.09 -5.67 0.29
CA GLY A 73 -14.57 -6.67 1.22
C GLY A 73 -15.24 -8.02 1.17
N ALA A 74 -16.39 -8.13 0.48
CA ALA A 74 -17.07 -9.44 0.34
C ALA A 74 -16.24 -10.39 -0.54
N GLU A 75 -15.54 -9.81 -1.54
CA GLU A 75 -14.63 -10.55 -2.43
C GLU A 75 -13.41 -11.06 -1.63
N VAL A 76 -12.96 -10.28 -0.62
CA VAL A 76 -11.82 -10.65 0.23
C VAL A 76 -12.19 -11.89 1.06
N ALA A 77 -13.24 -11.79 1.88
CA ALA A 77 -13.73 -12.90 2.69
C ALA A 77 -14.00 -14.13 1.82
N HIS A 78 -14.71 -13.95 0.69
CA HIS A 78 -15.04 -15.06 -0.20
C HIS A 78 -13.80 -15.76 -0.74
N PHE A 79 -12.91 -15.02 -1.42
CA PHE A 79 -11.76 -15.64 -2.05
C PHE A 79 -10.68 -16.06 -1.02
N MET A 80 -10.54 -15.36 0.12
CA MET A 80 -9.56 -15.79 1.14
C MET A 80 -10.04 -17.11 1.76
N ASN A 81 -11.36 -17.26 1.90
CA ASN A 81 -11.98 -18.50 2.36
C ASN A 81 -11.79 -19.61 1.32
N ALA A 82 -11.97 -19.33 0.03
CA ALA A 82 -11.75 -20.31 -1.04
C ALA A 82 -10.30 -20.80 -1.06
N LEU A 83 -9.32 -19.92 -0.73
CA LEU A 83 -7.89 -20.25 -0.70
C LEU A 83 -7.48 -20.89 0.62
N ARG A 84 -8.38 -20.89 1.62
CA ARG A 84 -8.21 -21.50 2.93
C ARG A 84 -7.02 -20.89 3.72
N TYR A 85 -7.02 -19.56 3.84
CA TYR A 85 -6.02 -18.87 4.66
C TYR A 85 -6.16 -19.38 6.09
N ASP A 86 -5.04 -19.55 6.80
CA ASP A 86 -5.06 -19.98 8.20
C ASP A 86 -5.24 -18.82 9.18
N ALA A 87 -4.79 -17.62 8.81
CA ALA A 87 -4.98 -16.40 9.65
C ALA A 87 -4.63 -15.15 8.87
N MET A 88 -5.11 -14.00 9.38
CA MET A 88 -4.81 -12.71 8.78
C MET A 88 -4.64 -11.66 9.88
N ALA A 89 -3.71 -10.72 9.70
CA ALA A 89 -3.56 -9.58 10.60
C ALA A 89 -4.25 -8.39 9.95
N LEU A 90 -4.82 -7.49 10.78
CA LEU A 90 -5.47 -6.30 10.27
C LEU A 90 -4.45 -5.27 9.84
N GLY A 91 -4.67 -4.71 8.66
CA GLY A 91 -3.86 -3.64 8.12
C GLY A 91 -4.62 -2.34 8.19
N ASN A 92 -3.94 -1.21 7.94
CA ASN A 92 -4.61 0.09 7.98
C ASN A 92 -5.76 0.19 6.99
N HIS A 93 -5.60 -0.34 5.76
CA HIS A 93 -6.64 -0.21 4.74
C HIS A 93 -7.91 -1.03 5.05
N GLU A 94 -7.84 -1.98 5.98
CA GLU A 94 -9.05 -2.68 6.42
C GLU A 94 -10.03 -1.72 7.17
N PHE A 95 -9.57 -0.51 7.59
CA PHE A 95 -10.39 0.49 8.28
C PHE A 95 -10.84 1.68 7.37
N ASP A 96 -10.62 1.64 6.05
CA ASP A 96 -11.01 2.75 5.18
C ASP A 96 -12.51 3.01 5.08
N ASN A 97 -13.32 1.93 5.16
CA ASN A 97 -14.79 2.06 5.13
C ASN A 97 -15.37 2.00 6.53
N GLY A 98 -14.64 2.53 7.51
CA GLY A 98 -15.06 2.54 8.90
C GLY A 98 -14.95 1.17 9.55
N VAL A 99 -15.29 1.12 10.84
CA VAL A 99 -15.32 -0.16 11.57
C VAL A 99 -16.47 -1.01 10.99
N GLU A 100 -17.57 -0.36 10.55
CA GLU A 100 -18.71 -1.07 9.98
C GLU A 100 -18.33 -1.78 8.68
N GLY A 101 -17.48 -1.14 7.87
CA GLY A 101 -16.97 -1.70 6.62
C GLY A 101 -16.00 -2.86 6.79
N LEU A 102 -15.57 -3.13 8.03
CA LEU A 102 -14.68 -4.24 8.39
C LEU A 102 -15.51 -5.40 8.99
N ILE A 103 -16.42 -5.06 9.93
CA ILE A 103 -17.29 -6.04 10.61
C ILE A 103 -18.15 -6.85 9.65
N GLU A 104 -19.02 -6.17 8.89
CA GLU A 104 -20.02 -6.85 8.06
C GLU A 104 -19.42 -7.60 6.87
N PRO A 105 -18.64 -6.98 5.96
CA PRO A 105 -18.10 -7.77 4.84
C PRO A 105 -17.08 -8.82 5.24
N LEU A 106 -16.10 -8.50 6.10
CA LEU A 106 -15.02 -9.42 6.42
C LEU A 106 -15.10 -10.18 7.76
N LEU A 107 -15.13 -9.50 8.91
CA LEU A 107 -15.05 -10.20 10.20
C LEU A 107 -16.13 -11.26 10.42
N LYS A 108 -17.37 -10.97 10.02
CA LYS A 108 -18.46 -11.93 10.18
C LYS A 108 -18.43 -13.06 9.14
N GLU A 109 -17.77 -12.87 7.97
CA GLU A 109 -17.73 -13.89 6.90
C GLU A 109 -16.41 -14.66 6.79
N ALA A 110 -15.35 -14.23 7.49
CA ALA A 110 -14.06 -14.91 7.45
C ALA A 110 -14.15 -16.23 8.20
N LYS A 111 -13.64 -17.31 7.58
CA LYS A 111 -13.62 -18.66 8.18
C LYS A 111 -12.27 -18.90 8.93
N PHE A 112 -11.42 -17.89 9.00
CA PHE A 112 -10.11 -17.95 9.63
C PHE A 112 -10.04 -16.83 10.66
N PRO A 113 -9.21 -16.99 11.70
CA PRO A 113 -9.03 -15.92 12.70
C PRO A 113 -8.41 -14.64 12.11
N ILE A 114 -8.89 -13.48 12.58
CA ILE A 114 -8.39 -12.16 12.17
C ILE A 114 -7.79 -11.52 13.41
N LEU A 115 -6.54 -11.08 13.31
CA LEU A 115 -5.74 -10.72 14.46
C LEU A 115 -5.16 -9.30 14.56
N SER A 116 -5.08 -8.79 15.80
CA SER A 116 -4.42 -7.53 16.17
C SER A 116 -4.41 -7.41 17.71
N ALA A 117 -3.21 -7.50 18.30
CA ALA A 117 -2.99 -7.44 19.74
C ALA A 117 -2.90 -5.99 20.26
N ASN A 118 -2.61 -5.01 19.37
CA ASN A 118 -2.46 -3.62 19.78
C ASN A 118 -3.67 -2.72 19.46
N ILE A 119 -4.84 -3.29 19.09
CA ILE A 119 -6.07 -2.52 18.88
C ILE A 119 -6.97 -2.83 20.07
N LYS A 120 -7.29 -1.82 20.90
CA LYS A 120 -8.16 -1.97 22.05
C LYS A 120 -9.38 -1.11 21.83
N ALA A 121 -10.58 -1.70 21.85
CA ALA A 121 -11.83 -0.98 21.64
C ALA A 121 -12.35 -0.42 22.97
N LYS A 122 -12.82 0.86 22.99
CA LYS A 122 -13.37 1.51 24.19
C LYS A 122 -14.78 2.08 23.90
N GLY A 123 -15.55 2.28 24.96
CA GLY A 123 -16.89 2.86 24.87
C GLY A 123 -17.95 1.93 24.28
N PRO A 124 -18.86 2.44 23.43
CA PRO A 124 -19.94 1.57 22.88
C PRO A 124 -19.46 0.41 22.01
N LEU A 125 -18.55 0.68 21.07
CA LEU A 125 -18.00 -0.31 20.13
C LEU A 125 -17.46 -1.59 20.77
N ALA A 126 -16.74 -1.46 21.90
CA ALA A 126 -16.16 -2.59 22.63
C ALA A 126 -17.04 -3.83 22.66
N SER A 127 -18.34 -3.64 22.97
CA SER A 127 -19.35 -4.71 23.10
C SER A 127 -19.63 -5.51 21.83
N GLN A 128 -19.88 -4.82 20.71
CA GLN A 128 -20.18 -5.50 19.43
C GLN A 128 -18.96 -6.16 18.82
N ILE A 129 -17.86 -5.40 18.66
CA ILE A 129 -16.64 -5.91 18.02
C ILE A 129 -15.95 -7.05 18.81
N SER A 130 -16.19 -7.16 20.13
CA SER A 130 -15.61 -8.20 20.97
C SER A 130 -15.63 -9.59 20.31
N GLY A 131 -14.46 -10.22 20.25
CA GLY A 131 -14.30 -11.57 19.70
C GLY A 131 -14.32 -11.74 18.19
N LEU A 132 -14.67 -10.70 17.40
CA LEU A 132 -14.70 -10.81 15.94
C LEU A 132 -13.29 -10.71 15.34
N TYR A 133 -12.35 -10.14 16.11
CA TYR A 133 -10.92 -10.15 15.88
C TYR A 133 -10.30 -10.58 17.22
N LEU A 134 -9.10 -11.17 17.19
CA LEU A 134 -8.45 -11.68 18.38
C LEU A 134 -7.02 -11.15 18.53
N PRO A 135 -6.48 -11.07 19.76
CA PRO A 135 -5.07 -10.67 19.89
C PRO A 135 -4.13 -11.74 19.34
N TYR A 136 -4.49 -13.02 19.48
CA TYR A 136 -3.73 -14.15 18.97
C TYR A 136 -4.65 -15.33 18.69
N LYS A 137 -4.11 -16.37 18.06
CA LYS A 137 -4.79 -17.66 17.90
C LYS A 137 -3.73 -18.73 18.04
N VAL A 138 -4.06 -19.81 18.73
CA VAL A 138 -3.17 -20.96 18.83
C VAL A 138 -3.73 -22.00 17.85
N LEU A 139 -2.96 -22.29 16.79
CA LEU A 139 -3.40 -23.15 15.73
C LEU A 139 -2.78 -24.54 15.82
N PRO A 140 -3.60 -25.62 15.78
CA PRO A 140 -3.01 -26.96 15.66
C PRO A 140 -2.42 -27.14 14.25
N VAL A 141 -1.17 -27.62 14.17
CA VAL A 141 -0.46 -27.88 12.92
C VAL A 141 0.09 -29.26 13.13
N GLY A 142 -0.61 -30.24 12.58
CA GLY A 142 -0.28 -31.64 12.79
C GLY A 142 -0.42 -31.99 14.26
N ASP A 143 0.65 -32.56 14.83
CA ASP A 143 0.69 -32.93 16.25
C ASP A 143 1.21 -31.80 17.15
N GLU A 144 1.54 -30.63 16.57
CA GLU A 144 2.05 -29.48 17.32
C GLU A 144 1.03 -28.34 17.33
N VAL A 145 1.38 -27.26 18.07
CA VAL A 145 0.61 -26.05 18.11
C VAL A 145 1.52 -24.88 17.78
N VAL A 146 1.00 -23.92 17.03
CA VAL A 146 1.71 -22.71 16.66
C VAL A 146 0.84 -21.53 17.08
N GLY A 147 1.42 -20.61 17.83
CA GLY A 147 0.77 -19.37 18.23
C GLY A 147 1.06 -18.26 17.26
N ILE A 148 0.03 -17.55 16.81
CA ILE A 148 0.15 -16.40 15.92
C ILE A 148 -0.38 -15.18 16.69
N VAL A 149 0.44 -14.10 16.82
CA VAL A 149 0.04 -12.85 17.49
C VAL A 149 0.02 -11.77 16.45
N GLY A 150 -1.08 -11.03 16.38
CA GLY A 150 -1.26 -9.97 15.39
C GLY A 150 -0.86 -8.59 15.82
N TYR A 151 -0.63 -7.69 14.86
CA TYR A 151 -0.36 -6.28 15.14
C TYR A 151 -0.70 -5.41 13.92
N THR A 152 -1.05 -4.14 14.18
CA THR A 152 -1.47 -3.18 13.16
C THR A 152 -0.80 -1.85 13.43
N SER A 153 -0.37 -1.17 12.35
CA SER A 153 0.29 0.12 12.40
C SER A 153 -0.36 1.03 13.41
N LYS A 154 0.44 1.56 14.32
CA LYS A 154 -0.03 2.50 15.33
C LYS A 154 -0.39 3.84 14.66
N GLU A 155 -0.07 4.02 13.37
CA GLU A 155 -0.43 5.20 12.60
C GLU A 155 -1.80 5.10 11.91
N THR A 156 -2.54 3.97 12.07
CA THR A 156 -3.83 3.72 11.41
C THR A 156 -4.87 4.82 11.66
N PRO A 157 -5.00 5.38 12.90
CA PRO A 157 -5.94 6.50 13.11
C PRO A 157 -5.75 7.70 12.18
N PHE A 158 -4.50 7.99 11.79
CA PHE A 158 -4.18 9.11 10.88
C PHE A 158 -4.32 8.68 9.42
N LEU A 159 -3.92 7.45 9.10
CA LEU A 159 -3.94 6.92 7.73
C LEU A 159 -5.31 6.49 7.21
N SER A 160 -6.18 6.03 8.12
CA SER A 160 -7.48 5.47 7.78
C SER A 160 -8.61 6.11 8.56
N ASN A 161 -9.78 5.44 8.62
CA ASN A 161 -10.94 5.93 9.34
C ASN A 161 -11.41 4.89 10.37
N PRO A 162 -10.57 4.52 11.36
CA PRO A 162 -11.03 3.54 12.37
C PRO A 162 -12.02 4.09 13.42
N GLY A 163 -12.27 5.41 13.44
CA GLY A 163 -13.18 6.00 14.41
C GLY A 163 -12.56 6.27 15.77
N THR A 164 -13.28 7.03 16.58
CA THR A 164 -12.83 7.44 17.92
C THR A 164 -12.89 6.32 19.00
N ASN A 165 -13.61 5.20 18.72
CA ASN A 165 -13.77 4.10 19.68
C ASN A 165 -12.57 3.15 19.75
N LEU A 166 -11.81 3.01 18.66
CA LEU A 166 -10.65 2.12 18.65
C LEU A 166 -9.39 2.87 19.05
N VAL A 167 -8.59 2.24 19.93
CA VAL A 167 -7.31 2.77 20.40
C VAL A 167 -6.21 1.90 19.81
N PHE A 168 -5.18 2.53 19.26
CA PHE A 168 -4.03 1.83 18.67
C PHE A 168 -2.81 2.03 19.57
N GLU A 169 -2.35 0.96 20.22
CA GLU A 169 -1.21 0.97 21.14
C GLU A 169 0.09 0.76 20.43
N ASP A 170 1.20 1.05 21.13
CA ASP A 170 2.54 0.78 20.61
C ASP A 170 2.60 -0.73 20.42
N GLU A 171 3.02 -1.17 19.25
CA GLU A 171 3.04 -2.60 18.89
C GLU A 171 3.85 -3.45 19.88
N ILE A 172 5.09 -3.03 20.22
CA ILE A 172 5.96 -3.80 21.12
C ILE A 172 5.35 -3.92 22.52
N THR A 173 4.79 -2.81 23.03
CA THR A 173 4.13 -2.76 24.34
C THR A 173 2.93 -3.70 24.39
N ALA A 174 2.13 -3.72 23.32
CA ALA A 174 0.96 -4.59 23.28
C ALA A 174 1.28 -6.07 23.04
N LEU A 175 2.33 -6.35 22.29
CA LEU A 175 2.70 -7.72 21.92
C LEU A 175 3.32 -8.53 23.05
N GLN A 176 4.25 -7.97 23.83
CA GLN A 176 4.98 -8.72 24.86
C GLN A 176 4.05 -9.46 25.84
N PRO A 177 3.01 -8.81 26.40
CA PRO A 177 2.11 -9.55 27.31
C PRO A 177 1.36 -10.71 26.63
N GLU A 178 0.98 -10.56 25.35
CA GLU A 178 0.32 -11.65 24.64
C GLU A 178 1.27 -12.83 24.39
N VAL A 179 2.52 -12.52 23.99
CA VAL A 179 3.56 -13.54 23.75
C VAL A 179 3.88 -14.24 25.08
N ASP A 180 4.01 -13.48 26.16
CA ASP A 180 4.26 -14.06 27.48
C ASP A 180 3.11 -14.99 27.91
N LYS A 181 1.84 -14.60 27.63
CA LYS A 181 0.69 -15.45 27.94
C LYS A 181 0.77 -16.74 27.12
N LEU A 182 1.17 -16.65 25.83
CA LEU A 182 1.35 -17.85 25.00
C LEU A 182 2.42 -18.78 25.58
N LYS A 183 3.54 -18.20 26.07
CA LYS A 183 4.64 -18.96 26.69
C LYS A 183 4.21 -19.65 27.99
N THR A 184 3.31 -19.00 28.78
CA THR A 184 2.79 -19.61 30.00
C THR A 184 1.91 -20.79 29.66
N LEU A 185 1.25 -20.76 28.49
CA LEU A 185 0.42 -21.86 27.99
C LEU A 185 1.25 -22.93 27.25
N ASN A 186 2.59 -22.88 27.37
CA ASN A 186 3.51 -23.85 26.77
C ASN A 186 3.43 -23.84 25.25
N VAL A 187 3.11 -22.68 24.66
CA VAL A 187 3.12 -22.52 23.20
C VAL A 187 4.55 -22.03 22.94
N ASN A 188 5.39 -22.92 22.40
CA ASN A 188 6.82 -22.67 22.20
C ASN A 188 7.21 -22.26 20.78
N LYS A 189 6.24 -22.23 19.84
CA LYS A 189 6.45 -21.76 18.48
C LYS A 189 5.50 -20.57 18.27
N ILE A 190 6.07 -19.37 18.10
CA ILE A 190 5.32 -18.13 18.01
C ILE A 190 5.70 -17.32 16.78
N ILE A 191 4.68 -16.97 15.98
CA ILE A 191 4.81 -16.11 14.81
C ILE A 191 4.13 -14.77 15.11
N ALA A 192 4.84 -13.69 14.87
CA ALA A 192 4.24 -12.36 14.95
C ALA A 192 3.83 -12.01 13.51
N LEU A 193 2.53 -11.79 13.29
CA LEU A 193 1.95 -11.51 11.97
C LEU A 193 1.32 -10.14 12.05
N GLY A 194 1.81 -9.17 11.27
CA GLY A 194 1.22 -7.86 11.37
C GLY A 194 1.57 -6.88 10.28
N HIS A 195 0.97 -5.70 10.43
CA HIS A 195 0.97 -4.67 9.44
C HIS A 195 1.48 -3.29 9.90
N SER A 196 2.80 -3.18 10.06
CA SER A 196 3.42 -1.91 10.49
C SER A 196 4.65 -1.44 9.69
N GLY A 197 5.13 -2.24 8.74
CA GLY A 197 6.31 -1.89 7.97
C GLY A 197 7.54 -2.65 8.43
N PHE A 198 8.44 -2.90 7.49
CA PHE A 198 9.69 -3.64 7.72
C PHE A 198 10.53 -3.11 8.89
N GLU A 199 10.59 -1.77 9.07
CA GLU A 199 11.37 -1.20 10.18
C GLU A 199 10.81 -1.60 11.55
N MET A 200 9.48 -1.49 11.76
CA MET A 200 8.84 -1.95 13.00
C MET A 200 8.97 -3.47 13.14
N ASP A 201 8.88 -4.22 12.02
CA ASP A 201 9.00 -5.68 12.03
C ASP A 201 10.35 -6.12 12.60
N LYS A 202 11.44 -5.43 12.19
CA LYS A 202 12.79 -5.71 12.70
C LYS A 202 12.89 -5.38 14.18
N LEU A 203 12.21 -4.30 14.64
CA LEU A 203 12.21 -3.94 16.05
C LEU A 203 11.45 -4.95 16.87
N ILE A 204 10.30 -5.44 16.36
CA ILE A 204 9.53 -6.50 17.03
C ILE A 204 10.43 -7.74 17.20
N ALA A 205 11.09 -8.15 16.11
CA ALA A 205 12.02 -9.27 16.15
C ALA A 205 13.12 -9.07 17.16
N GLN A 206 13.68 -7.87 17.27
CA GLN A 206 14.76 -7.62 18.22
C GLN A 206 14.29 -7.58 19.68
N LYS A 207 13.14 -6.93 19.92
CA LYS A 207 12.68 -6.60 21.25
C LYS A 207 11.64 -7.50 21.91
N VAL A 208 10.73 -8.13 21.15
CA VAL A 208 9.66 -8.94 21.73
C VAL A 208 10.18 -10.34 22.04
N ARG A 209 10.46 -10.59 23.34
CA ARG A 209 11.00 -11.86 23.79
C ARG A 209 9.99 -12.97 23.53
N GLY A 210 10.43 -14.04 22.87
CA GLY A 210 9.58 -15.19 22.55
C GLY A 210 9.10 -15.30 21.11
N VAL A 211 9.22 -14.24 20.29
CA VAL A 211 8.80 -14.26 18.90
C VAL A 211 9.85 -15.05 18.11
N ASP A 212 9.44 -16.09 17.41
CA ASP A 212 10.37 -16.91 16.61
C ASP A 212 10.52 -16.40 15.20
N VAL A 213 9.46 -15.81 14.62
CA VAL A 213 9.42 -15.35 13.23
C VAL A 213 8.54 -14.13 13.16
N VAL A 214 8.87 -13.18 12.27
CA VAL A 214 8.01 -12.02 12.02
C VAL A 214 7.59 -12.02 10.55
N VAL A 215 6.27 -11.93 10.29
CA VAL A 215 5.70 -11.91 8.94
C VAL A 215 4.98 -10.59 8.85
N GLY A 216 5.49 -9.73 8.00
CA GLY A 216 5.00 -8.36 7.90
C GLY A 216 4.44 -7.88 6.58
N GLY A 217 4.18 -6.59 6.58
CA GLY A 217 3.58 -5.90 5.45
C GLY A 217 3.72 -4.39 5.58
N HIS A 218 2.88 -3.67 4.82
CA HIS A 218 2.76 -2.20 4.84
C HIS A 218 3.85 -1.43 4.06
N SER A 219 5.11 -1.88 4.10
CA SER A 219 6.21 -1.24 3.39
C SER A 219 6.41 -1.84 1.97
N ASN A 220 5.60 -2.86 1.58
CA ASN A 220 5.70 -3.51 0.27
C ASN A 220 7.13 -3.99 0.02
N THR A 221 7.79 -4.51 1.06
CA THR A 221 9.19 -4.86 1.05
C THR A 221 9.41 -6.14 0.30
N PHE A 222 10.32 -6.08 -0.66
CA PHE A 222 10.73 -7.22 -1.41
C PHE A 222 12.08 -7.66 -0.89
N LEU A 223 12.14 -8.91 -0.44
CA LEU A 223 13.36 -9.53 0.06
C LEU A 223 13.62 -10.75 -0.83
N TYR A 224 14.90 -11.02 -1.11
CA TYR A 224 15.28 -12.14 -1.95
C TYR A 224 16.70 -12.61 -1.65
N THR A 225 16.92 -13.93 -1.73
CA THR A 225 18.23 -14.54 -1.63
C THR A 225 18.59 -15.07 -3.03
N GLY A 226 19.63 -14.50 -3.64
CA GLY A 226 20.07 -14.90 -4.97
C GLY A 226 19.62 -13.92 -6.03
N ASN A 227 19.59 -14.38 -7.29
CA ASN A 227 19.23 -13.53 -8.43
C ASN A 227 17.71 -13.44 -8.54
N PRO A 228 17.13 -12.21 -8.45
CA PRO A 228 15.65 -12.09 -8.43
C PRO A 228 14.97 -12.36 -9.77
N PRO A 229 13.70 -12.83 -9.71
CA PRO A 229 13.01 -13.27 -10.93
C PRO A 229 12.31 -12.22 -11.80
N SER A 230 12.06 -11.00 -11.25
CA SER A 230 11.34 -9.94 -11.95
C SER A 230 12.04 -8.57 -11.76
N LYS A 231 11.29 -7.45 -11.93
CA LYS A 231 11.83 -6.08 -11.83
C LYS A 231 12.04 -5.55 -10.42
N GLU A 232 11.45 -6.17 -9.39
CA GLU A 232 11.60 -5.70 -8.01
C GLU A 232 13.02 -5.98 -7.54
N VAL A 233 13.64 -4.96 -6.94
CA VAL A 233 15.01 -5.03 -6.46
C VAL A 233 14.96 -5.35 -4.98
N PRO A 234 15.69 -6.38 -4.53
CA PRO A 234 15.62 -6.74 -3.11
C PRO A 234 16.21 -5.70 -2.16
N ALA A 235 15.51 -5.45 -1.04
CA ALA A 235 15.97 -4.54 0.02
C ALA A 235 16.87 -5.31 1.02
N GLY A 236 16.89 -6.63 0.92
CA GLY A 236 17.71 -7.50 1.75
C GLY A 236 17.52 -8.95 1.38
N LYS A 237 18.17 -9.84 2.12
CA LYS A 237 18.03 -11.27 1.88
C LYS A 237 16.67 -11.75 2.40
N TYR A 238 16.24 -12.92 1.91
CA TYR A 238 15.00 -13.55 2.38
C TYR A 238 15.41 -14.87 3.02
N PRO A 239 15.12 -15.08 4.31
CA PRO A 239 14.58 -14.12 5.28
C PRO A 239 15.62 -13.10 5.66
N PHE A 240 15.16 -11.99 6.24
CA PHE A 240 16.06 -10.99 6.78
C PHE A 240 16.32 -11.44 8.21
N ILE A 241 17.56 -11.71 8.60
CA ILE A 241 17.85 -12.16 9.95
C ILE A 241 18.10 -11.00 10.93
N VAL A 242 17.33 -10.97 12.05
CA VAL A 242 17.52 -10.01 13.14
C VAL A 242 18.10 -10.81 14.29
N THR A 243 19.14 -10.27 14.98
CA THR A 243 19.64 -10.90 16.19
C THR A 243 18.90 -10.22 17.32
N SER A 244 18.08 -10.98 18.04
CA SER A 244 17.30 -10.39 19.11
C SER A 244 18.18 -9.99 20.28
N ASP A 245 17.67 -9.12 21.16
CA ASP A 245 18.42 -8.68 22.34
C ASP A 245 18.78 -9.85 23.27
N ASP A 246 17.94 -10.90 23.32
CA ASP A 246 18.28 -12.10 24.12
C ASP A 246 19.12 -13.14 23.30
N GLY A 247 19.70 -12.70 22.18
CA GLY A 247 20.65 -13.46 21.39
C GLY A 247 20.16 -14.48 20.40
N ARG A 248 18.85 -14.45 20.04
CA ARG A 248 18.29 -15.41 19.09
C ARG A 248 18.28 -14.85 17.66
N LYS A 249 18.46 -15.72 16.67
CA LYS A 249 18.38 -15.32 15.27
C LYS A 249 16.90 -15.41 14.88
N VAL A 250 16.29 -14.27 14.54
CA VAL A 250 14.88 -14.16 14.20
C VAL A 250 14.68 -13.81 12.71
N PRO A 251 14.09 -14.72 11.92
CA PRO A 251 13.80 -14.39 10.52
C PRO A 251 12.62 -13.42 10.39
N VAL A 252 12.79 -12.43 9.53
CA VAL A 252 11.79 -11.41 9.25
C VAL A 252 11.51 -11.52 7.75
N VAL A 253 10.21 -11.66 7.40
CA VAL A 253 9.78 -11.82 6.02
C VAL A 253 8.68 -10.86 5.64
N GLN A 254 8.60 -10.58 4.32
CA GLN A 254 7.61 -9.75 3.67
C GLN A 254 7.59 -10.20 2.21
N ALA A 255 6.52 -9.94 1.45
CA ALA A 255 6.41 -10.47 0.08
C ALA A 255 5.85 -9.45 -0.90
N TYR A 256 6.53 -8.29 -0.96
CA TYR A 256 6.21 -7.19 -1.84
C TYR A 256 4.73 -6.73 -1.70
N ALA A 257 3.87 -6.88 -2.72
CA ALA A 257 2.47 -6.43 -2.71
C ALA A 257 1.76 -6.96 -3.95
N PHE A 258 0.45 -6.73 -4.03
CA PHE A 258 -0.38 -6.96 -5.20
C PHE A 258 -0.59 -8.40 -5.60
N GLY A 259 -0.25 -9.35 -4.72
CA GLY A 259 -0.35 -10.78 -5.02
C GLY A 259 0.57 -11.25 -6.12
N LYS A 260 1.62 -10.48 -6.46
CA LYS A 260 2.57 -10.86 -7.52
C LYS A 260 3.43 -12.04 -7.07
N TYR A 261 3.73 -12.11 -5.76
CA TYR A 261 4.55 -13.16 -5.17
C TYR A 261 3.84 -13.84 -4.03
N LEU A 262 4.18 -15.10 -3.79
CA LEU A 262 3.75 -15.83 -2.62
C LEU A 262 5.01 -15.99 -1.75
N GLY A 263 5.01 -15.41 -0.57
CA GLY A 263 6.09 -15.60 0.38
C GLY A 263 6.19 -17.06 0.82
N TYR A 264 7.40 -17.63 0.85
CA TYR A 264 7.61 -19.03 1.18
C TYR A 264 8.82 -19.19 2.11
N LEU A 265 8.59 -19.54 3.39
CA LEU A 265 9.66 -19.75 4.36
C LEU A 265 9.51 -21.11 5.04
N LYS A 266 10.58 -21.91 5.03
CA LYS A 266 10.62 -23.20 5.69
C LYS A 266 11.42 -23.02 6.97
N ILE A 267 10.84 -23.36 8.13
CA ILE A 267 11.49 -23.21 9.44
C ILE A 267 11.67 -24.59 10.05
N GLU A 268 12.87 -24.86 10.52
CA GLU A 268 13.23 -26.10 11.20
C GLU A 268 13.26 -25.75 12.70
N PHE A 269 12.34 -26.35 13.46
CA PHE A 269 12.24 -26.17 14.89
C PHE A 269 12.73 -27.39 15.63
N ASP A 270 13.29 -27.20 16.83
CA ASP A 270 13.63 -28.31 17.71
C ASP A 270 12.38 -28.61 18.57
N GLU A 271 12.49 -29.58 19.49
CA GLU A 271 11.40 -30.05 20.34
C GLU A 271 10.94 -28.98 21.34
N ARG A 272 11.81 -28.00 21.66
CA ARG A 272 11.48 -26.88 22.55
C ARG A 272 11.03 -25.61 21.78
N GLY A 273 10.88 -25.69 20.45
CA GLY A 273 10.40 -24.56 19.68
C GLY A 273 11.45 -23.53 19.32
N ASN A 274 12.73 -23.88 19.48
CA ASN A 274 13.80 -23.01 19.02
C ASN A 274 13.94 -23.19 17.52
N VAL A 275 14.19 -22.09 16.83
CA VAL A 275 14.45 -22.09 15.41
C VAL A 275 15.91 -22.57 15.21
N ILE A 276 16.09 -23.72 14.59
CA ILE A 276 17.42 -24.23 14.28
C ILE A 276 17.92 -23.53 13.04
N SER A 277 17.03 -23.39 12.05
CA SER A 277 17.34 -22.75 10.79
C SER A 277 16.07 -22.44 10.02
N SER A 278 16.23 -21.66 8.97
CA SER A 278 15.14 -21.34 8.07
C SER A 278 15.67 -20.91 6.73
N HIS A 279 14.86 -21.13 5.71
CA HIS A 279 15.22 -20.77 4.34
C HIS A 279 13.98 -20.70 3.48
N GLY A 280 14.11 -19.99 2.38
CA GLY A 280 13.06 -19.88 1.40
C GLY A 280 13.28 -18.70 0.47
N ASN A 281 12.19 -18.26 -0.14
CA ASN A 281 12.17 -17.13 -1.06
C ASN A 281 10.74 -16.86 -1.49
N PRO A 282 10.42 -15.61 -1.87
CA PRO A 282 9.09 -15.35 -2.44
C PRO A 282 9.01 -16.05 -3.81
N ILE A 283 7.89 -16.67 -4.10
CA ILE A 283 7.68 -17.38 -5.36
C ILE A 283 7.00 -16.41 -6.32
N LEU A 284 7.58 -16.19 -7.52
CA LEU A 284 6.95 -15.30 -8.52
C LEU A 284 5.77 -16.07 -9.11
N LEU A 285 4.57 -15.49 -8.98
CA LEU A 285 3.35 -16.09 -9.51
C LEU A 285 3.19 -15.68 -10.97
N ASP A 286 4.06 -16.20 -11.83
CA ASP A 286 4.05 -15.91 -13.27
C ASP A 286 3.28 -16.98 -14.03
N SER A 287 3.12 -16.75 -15.35
CA SER A 287 2.40 -17.61 -16.28
C SER A 287 2.82 -19.09 -16.25
N SER A 288 4.02 -19.43 -15.72
CA SER A 288 4.46 -20.84 -15.60
C SER A 288 3.50 -21.62 -14.68
N ILE A 289 2.93 -20.97 -13.66
CA ILE A 289 1.96 -21.59 -12.75
C ILE A 289 0.59 -21.44 -13.39
N PRO A 290 -0.15 -22.54 -13.66
CA PRO A 290 -1.49 -22.39 -14.25
C PRO A 290 -2.48 -21.82 -13.23
N GLU A 291 -3.48 -21.06 -13.71
CA GLU A 291 -4.54 -20.54 -12.86
C GLU A 291 -5.44 -21.72 -12.60
N ASP A 292 -5.82 -21.94 -11.33
CA ASP A 292 -6.72 -23.02 -10.99
C ASP A 292 -8.02 -22.83 -11.78
N PRO A 293 -8.52 -23.84 -12.53
CA PRO A 293 -9.77 -23.64 -13.29
C PRO A 293 -11.02 -23.32 -12.47
N SER A 294 -11.17 -23.95 -11.29
CA SER A 294 -12.35 -23.76 -10.45
C SER A 294 -12.41 -22.33 -9.89
N ILE A 295 -11.28 -21.85 -9.29
CA ILE A 295 -11.21 -20.49 -8.75
C ILE A 295 -11.42 -19.49 -9.89
N LYS A 296 -10.76 -19.72 -11.05
CA LYS A 296 -10.86 -18.83 -12.23
C LYS A 296 -12.29 -18.70 -12.73
N ALA A 297 -13.06 -19.80 -12.76
CA ALA A 297 -14.46 -19.76 -13.17
C ALA A 297 -15.28 -18.96 -12.16
N ASP A 298 -14.97 -19.08 -10.85
CA ASP A 298 -15.65 -18.31 -9.81
C ASP A 298 -15.25 -16.81 -9.92
N ILE A 299 -14.00 -16.52 -10.28
CA ILE A 299 -13.57 -15.12 -10.51
C ILE A 299 -14.36 -14.55 -11.70
N ASN A 300 -14.47 -15.33 -12.79
CA ASN A 300 -15.23 -14.90 -13.96
C ASN A 300 -16.71 -14.63 -13.64
N LYS A 301 -17.31 -15.37 -12.69
CA LYS A 301 -18.71 -15.15 -12.25
C LYS A 301 -18.82 -13.78 -11.56
N TRP A 302 -17.97 -13.52 -10.55
CA TRP A 302 -17.96 -12.25 -9.82
C TRP A 302 -17.55 -11.04 -10.72
N ARG A 303 -16.78 -11.30 -11.79
CA ARG A 303 -16.32 -10.28 -12.74
C ARG A 303 -17.45 -9.66 -13.57
N ILE A 304 -18.57 -10.39 -13.79
CA ILE A 304 -19.67 -9.88 -14.62
C ILE A 304 -20.23 -8.52 -14.11
N LYS A 305 -20.34 -8.32 -12.78
CA LYS A 305 -20.87 -7.06 -12.21
C LYS A 305 -19.91 -5.87 -12.44
N LEU A 306 -18.61 -6.15 -12.59
CA LEU A 306 -17.58 -5.12 -12.77
C LEU A 306 -17.45 -4.61 -14.21
N ASP A 307 -17.87 -5.40 -15.21
CA ASP A 307 -17.75 -5.02 -16.63
C ASP A 307 -18.50 -3.73 -17.02
N ASP A 308 -19.33 -3.13 -16.12
CA ASP A 308 -19.98 -1.84 -16.36
C ASP A 308 -18.91 -0.71 -16.30
N TYR A 309 -17.84 -0.90 -15.49
CA TYR A 309 -16.73 0.05 -15.34
C TYR A 309 -15.62 -0.13 -16.40
N SER A 310 -15.70 -1.20 -17.22
CA SER A 310 -14.74 -1.58 -18.26
C SER A 310 -15.25 -1.34 -19.70
N THR A 311 -16.53 -0.95 -19.89
CA THR A 311 -17.14 -0.79 -21.22
C THR A 311 -16.99 0.64 -21.76
N GLN A 312 -17.11 1.66 -20.90
CA GLN A 312 -17.00 3.05 -21.35
C GLN A 312 -15.54 3.47 -21.54
N GLU A 313 -15.14 3.78 -22.78
CA GLU A 313 -13.82 4.32 -23.07
C GLU A 313 -13.89 5.81 -22.76
N LEU A 314 -13.15 6.26 -21.76
CA LEU A 314 -13.12 7.67 -21.36
C LEU A 314 -12.20 8.43 -22.33
N GLY A 315 -11.14 7.78 -22.77
CA GLY A 315 -10.21 8.35 -23.71
C GLY A 315 -9.13 7.37 -24.09
N LYS A 316 -8.08 7.90 -24.72
CA LYS A 316 -6.96 7.12 -25.22
C LYS A 316 -5.62 7.73 -24.82
N THR A 317 -4.62 6.90 -24.53
CA THR A 317 -3.25 7.34 -24.23
C THR A 317 -2.36 6.69 -25.28
N ILE A 318 -1.40 7.46 -25.79
CA ILE A 318 -0.45 6.94 -26.79
C ILE A 318 0.93 6.74 -26.12
N VAL A 319 0.98 6.95 -24.78
CA VAL A 319 2.16 6.78 -23.95
C VAL A 319 1.86 5.93 -22.73
N TYR A 320 2.90 5.28 -22.18
CA TYR A 320 2.73 4.54 -20.95
C TYR A 320 2.50 5.56 -19.85
N LEU A 321 1.44 5.35 -19.07
CA LEU A 321 1.14 6.26 -17.97
C LEU A 321 1.77 5.71 -16.71
N ASP A 322 2.98 6.18 -16.43
CA ASP A 322 3.77 5.71 -15.29
C ASP A 322 3.29 6.24 -13.93
N GLY A 323 2.48 5.41 -13.29
CA GLY A 323 1.93 5.56 -11.95
C GLY A 323 2.58 4.56 -11.01
N SER A 324 3.78 4.04 -11.35
CA SER A 324 4.49 3.11 -10.48
C SER A 324 5.08 3.84 -9.28
N SER A 325 5.19 3.14 -8.14
CA SER A 325 5.77 3.68 -6.93
C SER A 325 7.26 3.99 -7.14
N GLN A 326 7.95 3.13 -7.92
CA GLN A 326 9.37 3.26 -8.18
C GLN A 326 9.67 4.54 -8.96
N SER A 327 8.69 5.06 -9.73
CA SER A 327 8.85 6.34 -10.38
C SER A 327 8.28 7.48 -9.54
N CYS A 328 6.96 7.41 -9.21
CA CYS A 328 6.25 8.53 -8.58
C CYS A 328 6.67 8.87 -7.16
N ARG A 329 7.33 7.97 -6.43
CA ARG A 329 7.85 8.31 -5.10
C ARG A 329 9.34 8.73 -5.17
N PHE A 330 9.96 8.75 -6.37
CA PHE A 330 11.40 9.03 -6.51
C PHE A 330 11.78 10.13 -7.49
N ARG A 331 10.94 10.42 -8.48
CA ARG A 331 11.24 11.43 -9.49
C ARG A 331 9.96 11.84 -10.20
N GLU A 332 10.07 12.79 -11.13
CA GLU A 332 8.93 13.24 -11.91
C GLU A 332 8.35 12.04 -12.67
N CYS A 333 7.04 11.80 -12.52
CA CYS A 333 6.38 10.70 -13.22
C CYS A 333 5.25 11.29 -14.05
N ASN A 334 5.09 10.82 -15.31
CA ASN A 334 4.11 11.41 -16.21
C ASN A 334 2.66 11.22 -15.74
N MET A 335 2.35 10.19 -14.93
CA MET A 335 1.00 10.07 -14.36
C MET A 335 0.76 11.25 -13.40
N GLY A 336 1.76 11.59 -12.59
CA GLY A 336 1.71 12.76 -11.70
C GLY A 336 1.45 14.06 -12.45
N ASN A 337 2.15 14.25 -13.59
CA ASN A 337 1.97 15.42 -14.45
C ASN A 337 0.58 15.47 -15.03
N LEU A 338 0.05 14.34 -15.49
CA LEU A 338 -1.31 14.23 -16.02
C LEU A 338 -2.32 14.64 -14.96
N ILE A 339 -2.19 14.08 -13.75
CA ILE A 339 -3.12 14.38 -12.66
C ILE A 339 -3.05 15.85 -12.24
N CYS A 340 -1.83 16.41 -12.10
CA CYS A 340 -1.72 17.84 -11.77
C CYS A 340 -2.28 18.74 -12.87
N ASP A 341 -2.10 18.35 -14.15
CA ASP A 341 -2.66 19.13 -15.27
C ASP A 341 -4.18 19.07 -15.27
N ALA A 342 -4.77 17.92 -14.91
CA ALA A 342 -6.22 17.78 -14.77
C ALA A 342 -6.72 18.60 -13.59
N MET A 343 -5.94 18.61 -12.49
CA MET A 343 -6.27 19.37 -11.28
C MET A 343 -6.31 20.88 -11.60
N ILE A 344 -5.25 21.39 -12.28
CA ILE A 344 -5.18 22.80 -12.67
C ILE A 344 -6.31 23.15 -13.66
N ASN A 345 -6.53 22.30 -14.67
CA ASN A 345 -7.57 22.52 -15.67
C ASN A 345 -8.98 22.62 -15.07
N ASN A 346 -9.28 21.76 -14.09
CA ASN A 346 -10.58 21.70 -13.43
C ASN A 346 -10.95 23.00 -12.74
N ASN A 347 -10.03 23.61 -11.99
CA ASN A 347 -10.33 24.89 -11.31
C ASN A 347 -10.32 26.07 -12.30
N LEU A 348 -9.45 26.03 -13.34
CA LEU A 348 -9.41 27.12 -14.33
C LEU A 348 -10.67 27.12 -15.22
N ARG A 349 -11.51 26.06 -15.13
CA ARG A 349 -12.90 26.08 -15.59
C ARG A 349 -13.97 25.99 -14.37
N HIS A 350 -13.80 26.77 -13.23
CA HIS A 350 -14.74 26.73 -12.05
C HIS A 350 -15.41 28.08 -11.67
N ALA A 351 -14.69 29.24 -11.84
CA ALA A 351 -15.10 30.65 -11.56
C ALA A 351 -14.47 31.26 -10.28
N ASP A 352 -14.59 32.61 -10.13
CA ASP A 352 -14.11 33.41 -8.98
C ASP A 352 -12.54 33.55 -8.89
N HIS A 358 -8.51 32.21 -9.56
CA HIS A 358 -7.60 31.42 -10.41
C HIS A 358 -6.15 31.20 -9.84
N VAL A 359 -5.71 29.98 -10.17
CA VAL A 359 -4.57 29.26 -9.61
C VAL A 359 -3.81 28.52 -10.72
N SER A 360 -2.50 28.49 -10.60
CA SER A 360 -1.62 27.91 -11.62
C SER A 360 -0.73 26.78 -11.10
N MET A 361 -0.73 26.51 -9.77
CA MET A 361 0.16 25.54 -9.17
C MET A 361 -0.57 24.32 -8.59
N CYS A 362 0.10 23.18 -8.66
CA CYS A 362 -0.42 21.91 -8.15
C CYS A 362 0.68 21.18 -7.42
N ILE A 363 0.34 20.55 -6.29
CA ILE A 363 1.23 19.59 -5.59
C ILE A 363 0.41 18.31 -5.33
N LEU A 364 1.05 17.13 -5.51
CA LEU A 364 0.41 15.82 -5.43
C LEU A 364 1.35 14.81 -4.82
N ASN A 365 0.97 14.23 -3.67
CA ASN A 365 1.79 13.20 -3.06
C ASN A 365 1.88 12.00 -3.99
N GLY A 366 3.09 11.61 -4.35
CA GLY A 366 3.36 10.47 -5.22
C GLY A 366 2.73 9.17 -4.73
N GLY A 367 2.62 9.01 -3.41
CA GLY A 367 1.98 7.83 -2.81
C GLY A 367 0.47 7.73 -3.02
N GLY A 368 -0.15 8.84 -3.44
CA GLY A 368 -1.56 8.89 -3.79
C GLY A 368 -1.88 8.37 -5.18
N ILE A 369 -0.82 8.09 -6.01
CA ILE A 369 -0.90 7.54 -7.38
C ILE A 369 -0.66 6.05 -7.15
N ARG A 370 -1.68 5.23 -7.35
CA ARG A 370 -1.56 3.85 -6.91
C ARG A 370 -1.56 2.76 -7.98
N SER A 371 -1.40 3.15 -9.23
CA SER A 371 -1.22 2.22 -10.33
C SER A 371 -0.84 2.91 -11.62
N PRO A 372 -0.02 2.26 -12.47
CA PRO A 372 0.15 2.78 -13.83
C PRO A 372 -1.05 2.38 -14.72
N ILE A 373 -1.03 2.88 -15.97
CA ILE A 373 -1.99 2.50 -17.04
C ILE A 373 -1.15 2.25 -18.29
N ASP A 374 -1.37 1.10 -18.94
CA ASP A 374 -0.65 0.68 -20.14
C ASP A 374 -1.28 1.25 -21.41
N GLU A 375 -0.45 1.60 -22.37
CA GLU A 375 -0.85 2.17 -23.66
C GLU A 375 -1.03 1.11 -24.78
N ARG A 376 -0.68 -0.16 -24.53
CA ARG A 376 -0.72 -1.18 -25.57
C ARG A 376 -2.13 -1.74 -25.92
N ASN A 377 -3.17 -1.58 -25.07
CA ASN A 377 -4.52 -2.09 -25.38
C ASN A 377 -5.27 -1.14 -26.34
N ASP A 378 -4.66 -0.79 -27.48
CA ASP A 378 -5.18 0.24 -28.38
C ASP A 378 -5.29 1.56 -27.58
N GLY A 379 -4.42 1.72 -26.58
CA GLY A 379 -4.37 2.88 -25.68
C GLY A 379 -5.62 3.24 -24.88
N THR A 380 -6.62 2.34 -24.79
CA THR A 380 -7.90 2.64 -24.12
C THR A 380 -7.78 2.90 -22.62
N ILE A 381 -8.51 3.92 -22.13
CA ILE A 381 -8.60 4.31 -20.71
C ILE A 381 -10.06 4.18 -20.30
N THR A 382 -10.32 3.35 -19.29
CA THR A 382 -11.65 3.10 -18.74
C THR A 382 -11.70 3.57 -17.29
N TRP A 383 -12.91 3.62 -16.72
CA TRP A 383 -13.12 3.99 -15.31
C TRP A 383 -12.34 3.02 -14.43
N GLU A 384 -12.36 1.71 -14.77
CA GLU A 384 -11.65 0.65 -14.07
C GLU A 384 -10.14 0.96 -14.02
N ASN A 385 -9.53 1.35 -15.16
CA ASN A 385 -8.10 1.71 -15.21
C ASN A 385 -7.82 2.90 -14.27
N LEU A 386 -8.69 3.93 -14.27
CA LEU A 386 -8.54 5.11 -13.40
C LEU A 386 -8.82 4.80 -11.92
N ALA A 387 -9.72 3.83 -11.64
CA ALA A 387 -10.07 3.39 -10.28
C ALA A 387 -8.88 2.82 -9.54
N ALA A 388 -7.94 2.20 -10.25
CA ALA A 388 -6.75 1.63 -9.64
C ALA A 388 -5.69 2.73 -9.41
N VAL A 389 -5.69 3.77 -10.22
CA VAL A 389 -4.76 4.88 -10.04
C VAL A 389 -5.19 5.71 -8.81
N LEU A 390 -6.50 5.95 -8.67
CA LEU A 390 -7.06 6.79 -7.61
C LEU A 390 -8.18 6.02 -6.93
N PRO A 391 -7.82 5.08 -6.04
CA PRO A 391 -8.83 4.21 -5.40
C PRO A 391 -9.44 4.73 -4.09
N PHE A 392 -9.02 5.91 -3.57
CA PHE A 392 -9.44 6.34 -2.24
C PHE A 392 -10.64 7.26 -2.11
N GLY A 393 -11.16 7.81 -3.20
CA GLY A 393 -12.30 8.71 -3.13
C GLY A 393 -12.00 10.02 -2.43
N GLY A 394 -10.78 10.52 -2.61
CA GLY A 394 -10.38 11.81 -2.07
C GLY A 394 -10.84 12.95 -2.96
N THR A 395 -10.52 14.21 -2.60
CA THR A 395 -10.87 15.40 -3.38
C THR A 395 -9.64 16.28 -3.66
N PHE A 396 -9.70 17.10 -4.70
CA PHE A 396 -8.61 18.01 -5.05
C PHE A 396 -9.03 19.42 -4.62
N ASP A 397 -8.53 19.85 -3.46
CA ASP A 397 -8.89 21.10 -2.80
C ASP A 397 -8.02 22.30 -3.21
N LEU A 398 -8.58 23.50 -3.06
CA LEU A 398 -7.88 24.75 -3.34
C LEU A 398 -7.37 25.28 -2.00
N VAL A 399 -6.06 25.63 -1.92
CA VAL A 399 -5.49 26.25 -0.71
C VAL A 399 -4.68 27.48 -1.08
N GLN A 400 -4.58 28.40 -0.12
CA GLN A 400 -3.78 29.60 -0.26
C GLN A 400 -2.61 29.45 0.70
N LEU A 401 -1.39 29.41 0.16
CA LEU A 401 -0.18 29.18 0.97
C LEU A 401 0.83 30.29 0.79
N LYS A 402 1.63 30.51 1.84
CA LYS A 402 2.73 31.49 1.81
C LYS A 402 3.88 30.77 1.11
N GLY A 403 4.82 31.52 0.54
CA GLY A 403 5.97 30.89 -0.12
C GLY A 403 6.82 30.09 0.84
N SER A 404 6.96 30.60 2.08
CA SER A 404 7.70 29.95 3.16
C SER A 404 7.12 28.56 3.44
N THR A 405 5.78 28.45 3.46
CA THR A 405 5.06 27.20 3.72
C THR A 405 5.33 26.24 2.59
N LEU A 406 5.27 26.73 1.35
CA LEU A 406 5.50 25.88 0.20
C LEU A 406 6.95 25.39 0.15
N LYS A 407 7.94 26.25 0.50
CA LYS A 407 9.35 25.85 0.57
C LYS A 407 9.54 24.69 1.59
N LYS A 408 8.89 24.82 2.76
CA LYS A 408 8.93 23.77 3.80
C LYS A 408 8.33 22.47 3.29
N ALA A 409 7.21 22.57 2.56
CA ALA A 409 6.59 21.38 1.97
C ALA A 409 7.57 20.68 1.03
N PHE A 410 8.21 21.43 0.12
CA PHE A 410 9.17 20.84 -0.82
C PHE A 410 10.41 20.27 -0.10
N GLU A 411 10.79 20.84 1.06
CA GLU A 411 11.88 20.29 1.85
C GLU A 411 11.41 18.99 2.46
N HIS A 412 10.16 18.95 2.95
CA HIS A 412 9.55 17.74 3.49
C HIS A 412 9.45 16.62 2.42
N SER A 413 9.18 16.98 1.15
CA SER A 413 9.08 16.05 0.01
C SER A 413 10.32 15.14 -0.11
N VAL A 414 11.53 15.66 0.21
CA VAL A 414 12.80 14.92 0.09
C VAL A 414 13.58 14.82 1.42
N HIS A 415 12.95 15.12 2.58
CA HIS A 415 13.65 15.10 3.90
C HIS A 415 14.22 13.73 4.27
N ARG A 416 13.55 12.65 3.85
CA ARG A 416 14.00 11.27 4.07
C ARG A 416 13.97 10.51 2.73
N TYR A 417 14.47 11.15 1.66
CA TYR A 417 14.48 10.58 0.30
C TYR A 417 15.15 9.20 0.23
N GLY A 418 14.62 8.32 -0.62
CA GLY A 418 15.17 6.99 -0.87
C GLY A 418 14.47 5.83 -0.18
N GLN A 419 13.46 6.11 0.66
CA GLN A 419 12.74 5.09 1.42
C GLN A 419 11.38 4.66 0.80
N SER A 420 11.04 5.11 -0.42
CA SER A 420 9.77 4.78 -1.10
C SER A 420 8.55 5.21 -0.26
N THR A 421 8.69 6.38 0.38
CA THR A 421 7.65 6.97 1.22
C THR A 421 6.85 7.85 0.27
N GLY A 422 5.55 7.94 0.53
CA GLY A 422 4.62 8.62 -0.35
C GLY A 422 4.59 10.14 -0.40
N GLU A 423 5.33 10.83 0.47
CA GLU A 423 5.33 12.30 0.55
C GLU A 423 6.00 12.99 -0.65
N PHE A 424 6.85 12.29 -1.42
CA PHE A 424 7.51 12.89 -2.59
C PHE A 424 6.45 13.53 -3.50
N LEU A 425 6.60 14.83 -3.78
CA LEU A 425 5.60 15.58 -4.53
C LEU A 425 5.77 15.61 -6.03
N GLN A 426 4.66 15.33 -6.70
CA GLN A 426 4.50 15.52 -8.13
C GLN A 426 3.90 16.91 -8.24
N VAL A 427 4.10 17.57 -9.38
CA VAL A 427 3.71 18.98 -9.52
C VAL A 427 3.15 19.42 -10.86
N GLY A 428 2.54 20.60 -10.82
CA GLY A 428 2.09 21.38 -11.98
C GLY A 428 2.34 22.86 -11.72
N GLY A 429 2.78 23.60 -12.73
CA GLY A 429 3.08 25.03 -12.59
C GLY A 429 4.24 25.34 -11.65
N ILE A 430 5.13 24.36 -11.43
CA ILE A 430 6.27 24.49 -10.52
C ILE A 430 7.45 23.79 -11.16
N HIS A 431 8.64 24.40 -11.02
CA HIS A 431 9.91 23.83 -11.47
C HIS A 431 10.79 23.80 -10.23
N VAL A 432 11.04 22.59 -9.68
CA VAL A 432 11.82 22.39 -8.46
C VAL A 432 13.11 21.65 -8.77
N VAL A 433 14.21 22.05 -8.13
CA VAL A 433 15.51 21.40 -8.29
C VAL A 433 16.00 21.07 -6.88
N TYR A 434 16.34 19.79 -6.64
CA TYR A 434 16.83 19.29 -5.38
C TYR A 434 18.31 18.93 -5.48
N ASP A 435 19.03 19.05 -4.37
CA ASP A 435 20.43 18.63 -4.26
C ASP A 435 20.44 17.69 -3.05
N LEU A 436 20.44 16.39 -3.32
CA LEU A 436 20.40 15.37 -2.26
C LEU A 436 21.74 15.25 -1.48
N SER A 437 22.82 15.91 -1.96
CA SER A 437 24.09 15.98 -1.23
C SER A 437 23.92 16.86 0.02
N ARG A 438 22.94 17.76 0.00
CA ARG A 438 22.68 18.67 1.11
C ARG A 438 21.93 18.00 2.24
N LYS A 439 21.84 18.68 3.38
CA LYS A 439 21.22 18.14 4.58
C LYS A 439 19.69 18.23 4.56
N PRO A 440 18.97 17.27 5.20
CA PRO A 440 17.50 17.37 5.27
C PRO A 440 17.04 18.75 5.75
N GLY A 441 16.08 19.33 5.05
CA GLY A 441 15.58 20.67 5.34
C GLY A 441 16.27 21.77 4.56
N ASP A 442 17.33 21.44 3.79
CA ASP A 442 18.08 22.41 2.98
C ASP A 442 18.46 21.82 1.60
N ARG A 443 17.62 20.91 1.06
CA ARG A 443 17.87 20.24 -0.24
C ARG A 443 17.25 20.93 -1.46
N VAL A 444 16.30 21.86 -1.26
CA VAL A 444 15.70 22.61 -2.37
C VAL A 444 16.71 23.69 -2.79
N VAL A 445 17.33 23.54 -3.97
CA VAL A 445 18.29 24.52 -4.47
C VAL A 445 17.65 25.51 -5.43
N LYS A 446 16.46 25.18 -5.99
CA LYS A 446 15.74 26.07 -6.90
C LYS A 446 14.24 25.74 -6.85
N LEU A 447 13.39 26.76 -6.76
CA LEU A 447 11.95 26.60 -6.71
C LEU A 447 11.27 27.77 -7.44
N ASP A 448 11.02 27.56 -8.73
CA ASP A 448 10.38 28.56 -9.56
C ASP A 448 8.94 28.20 -9.72
N VAL A 449 8.09 29.22 -9.80
CA VAL A 449 6.65 29.05 -9.90
C VAL A 449 6.08 29.95 -10.95
N LEU A 450 4.92 29.53 -11.47
CA LEU A 450 4.21 30.22 -12.53
C LEU A 450 3.54 31.44 -11.92
N CYS A 451 4.01 32.64 -12.30
CA CYS A 451 3.44 33.86 -11.74
C CYS A 451 1.93 33.94 -11.99
N THR A 452 1.22 34.52 -11.03
CA THR A 452 -0.23 34.72 -11.11
C THR A 452 -0.48 36.20 -11.32
N LYS A 453 0.27 37.06 -10.60
CA LYS A 453 0.13 38.51 -10.70
C LYS A 453 0.98 39.03 -11.87
N CYS A 454 0.64 38.57 -13.09
CA CYS A 454 1.37 38.88 -14.34
C CYS A 454 0.40 38.61 -15.50
N ARG A 455 0.54 39.33 -16.61
CA ARG A 455 -0.34 39.15 -17.74
C ARG A 455 0.06 37.97 -18.60
N VAL A 456 1.37 37.69 -18.68
CA VAL A 456 1.89 36.54 -19.42
C VAL A 456 2.52 35.64 -18.37
N PRO A 457 1.96 34.45 -18.10
CA PRO A 457 2.57 33.59 -17.09
C PRO A 457 3.99 33.13 -17.47
N SER A 458 4.89 33.16 -16.50
CA SER A 458 6.26 32.71 -16.66
C SER A 458 6.79 32.26 -15.30
N TYR A 459 7.90 31.52 -15.33
CA TYR A 459 8.52 31.02 -14.14
C TYR A 459 9.48 32.03 -13.54
N ASP A 460 9.31 32.26 -12.23
CA ASP A 460 10.13 33.21 -11.47
C ASP A 460 10.41 32.56 -10.12
N PRO A 461 11.51 32.92 -9.44
CA PRO A 461 11.77 32.31 -8.13
C PRO A 461 10.61 32.50 -7.16
N LEU A 462 10.34 31.47 -6.35
CA LEU A 462 9.31 31.54 -5.32
C LEU A 462 9.81 32.58 -4.33
N LYS A 463 8.90 33.38 -3.78
CA LYS A 463 9.24 34.39 -2.79
C LYS A 463 8.59 33.97 -1.46
N MET A 464 9.39 33.91 -0.41
CA MET A 464 9.01 33.42 0.91
C MET A 464 7.84 34.20 1.57
N ASP A 465 7.78 35.52 1.32
CA ASP A 465 6.76 36.42 1.89
C ASP A 465 5.52 36.62 0.99
N GLU A 466 5.49 35.99 -0.21
CA GLU A 466 4.35 36.11 -1.13
C GLU A 466 3.33 35.00 -0.85
N VAL A 467 2.17 35.07 -1.52
CA VAL A 467 1.09 34.12 -1.32
C VAL A 467 0.66 33.52 -2.64
N TYR A 468 0.55 32.19 -2.65
CA TYR A 468 0.24 31.43 -3.83
C TYR A 468 -0.98 30.58 -3.61
N LYS A 469 -1.75 30.33 -4.68
CA LYS A 469 -2.90 29.45 -4.64
C LYS A 469 -2.46 28.10 -5.22
N VAL A 470 -2.64 27.01 -4.45
CA VAL A 470 -2.21 25.68 -4.84
C VAL A 470 -3.38 24.70 -4.78
N ILE A 471 -3.52 23.87 -5.83
CA ILE A 471 -4.51 22.80 -5.85
C ILE A 471 -3.76 21.54 -5.43
N LEU A 472 -4.34 20.80 -4.50
CA LEU A 472 -3.72 19.62 -3.92
C LEU A 472 -4.76 18.67 -3.35
N PRO A 473 -4.40 17.39 -3.10
CA PRO A 473 -5.36 16.46 -2.45
C PRO A 473 -5.76 16.91 -1.05
N ASN A 474 -6.99 16.58 -0.63
CA ASN A 474 -7.45 16.87 0.74
C ASN A 474 -6.54 16.20 1.79
N PHE A 475 -5.95 15.03 1.43
CA PHE A 475 -5.00 14.30 2.28
C PHE A 475 -3.86 15.23 2.72
N LEU A 476 -3.31 16.05 1.79
CA LEU A 476 -2.23 16.98 2.11
C LEU A 476 -2.75 18.23 2.81
N ALA A 477 -3.89 18.79 2.38
CA ALA A 477 -4.48 19.96 3.06
C ALA A 477 -4.81 19.63 4.53
N ASN A 478 -5.16 18.38 4.86
CA ASN A 478 -5.43 17.95 6.23
C ASN A 478 -4.16 17.52 7.01
N GLY A 479 -2.97 17.77 6.46
CA GLY A 479 -1.71 17.45 7.13
C GLY A 479 -1.18 16.03 6.99
N GLY A 480 -1.76 15.25 6.07
CA GLY A 480 -1.30 13.88 5.82
C GLY A 480 0.10 13.85 5.25
N ASP A 481 0.75 12.66 5.34
CA ASP A 481 2.13 12.42 4.89
C ASP A 481 3.18 13.31 5.58
N GLY A 482 2.89 13.75 6.80
CA GLY A 482 3.78 14.60 7.57
C GLY A 482 3.81 16.04 7.10
N PHE A 483 2.81 16.50 6.31
CA PHE A 483 2.74 17.88 5.80
C PHE A 483 1.96 18.75 6.79
N GLN A 484 2.39 18.69 8.06
CA GLN A 484 1.78 19.43 9.16
C GLN A 484 1.84 20.94 8.87
N MET A 485 2.93 21.42 8.22
CA MET A 485 3.08 22.84 7.87
C MET A 485 1.95 23.36 6.96
N ILE A 486 1.40 22.52 6.06
CA ILE A 486 0.30 22.95 5.19
C ILE A 486 -0.94 23.21 6.06
N LYS A 487 -1.37 22.20 6.84
CA LYS A 487 -2.55 22.33 7.72
C LYS A 487 -2.42 23.49 8.72
N ASP A 488 -1.26 23.62 9.37
CA ASP A 488 -1.02 24.64 10.38
C ASP A 488 -0.85 26.04 9.81
N GLU A 489 -0.05 26.20 8.74
CA GLU A 489 0.26 27.51 8.17
C GLU A 489 -0.64 27.98 7.02
N LEU A 490 -1.59 27.16 6.51
CA LEU A 490 -2.43 27.63 5.38
C LEU A 490 -3.30 28.85 5.75
N LEU A 491 -3.57 29.70 4.75
CA LEU A 491 -4.37 30.93 4.91
C LEU A 491 -5.83 30.73 4.47
N ARG A 492 -6.10 29.73 3.63
CA ARG A 492 -7.45 29.43 3.16
C ARG A 492 -7.49 27.99 2.67
N HIS A 493 -8.65 27.31 2.83
CA HIS A 493 -8.85 25.93 2.38
C HIS A 493 -10.28 25.78 1.87
N ASP A 494 -10.46 25.59 0.54
CA ASP A 494 -11.77 25.35 -0.07
C ASP A 494 -11.82 23.88 -0.50
N SER A 495 -12.91 23.18 -0.17
CA SER A 495 -13.07 21.77 -0.58
C SER A 495 -13.29 21.72 -2.09
N GLY A 496 -12.76 20.68 -2.73
CA GLY A 496 -12.86 20.51 -4.17
C GLY A 496 -13.63 19.28 -4.64
N ASP A 497 -13.53 19.00 -5.94
CA ASP A 497 -14.21 17.88 -6.59
C ASP A 497 -13.49 16.55 -6.33
N GLN A 498 -14.22 15.44 -6.51
CA GLN A 498 -13.70 14.08 -6.33
C GLN A 498 -12.53 13.82 -7.29
N ASP A 499 -11.39 13.34 -6.74
CA ASP A 499 -10.17 13.06 -7.48
C ASP A 499 -10.37 12.33 -8.82
N ILE A 500 -11.02 11.14 -8.80
CA ILE A 500 -11.22 10.33 -10.01
C ILE A 500 -12.06 11.09 -11.08
N ASN A 501 -13.12 11.79 -10.67
CA ASN A 501 -13.98 12.50 -11.61
C ASN A 501 -13.23 13.64 -12.31
N VAL A 502 -12.29 14.32 -11.62
CA VAL A 502 -11.49 15.41 -12.19
C VAL A 502 -10.60 14.89 -13.33
N VAL A 503 -9.95 13.74 -13.11
CA VAL A 503 -9.05 13.13 -14.10
C VAL A 503 -9.88 12.54 -15.26
N SER A 504 -10.99 11.86 -14.94
CA SER A 504 -11.92 11.27 -15.92
C SER A 504 -12.41 12.37 -16.91
N THR A 505 -12.91 13.50 -16.35
CA THR A 505 -13.41 14.66 -17.12
C THR A 505 -12.32 15.19 -18.06
N TYR A 506 -11.10 15.36 -17.53
CA TYR A 506 -9.96 15.89 -18.29
C TYR A 506 -9.56 14.94 -19.43
N ILE A 507 -9.56 13.61 -19.20
CA ILE A 507 -9.22 12.66 -20.26
C ILE A 507 -10.29 12.67 -21.37
N SER A 508 -11.59 12.76 -21.01
CA SER A 508 -12.66 12.80 -22.00
C SER A 508 -12.58 14.05 -22.87
N LYS A 509 -12.20 15.17 -22.25
CA LYS A 509 -12.02 16.46 -22.92
C LYS A 509 -10.84 16.39 -23.90
N MET A 510 -9.68 15.85 -23.47
CA MET A 510 -8.50 15.74 -24.34
C MET A 510 -8.63 14.66 -25.40
N LYS A 511 -9.37 13.57 -25.12
CA LYS A 511 -9.58 12.41 -26.02
C LYS A 511 -8.31 11.56 -26.18
N VAL A 512 -7.19 12.16 -26.67
CA VAL A 512 -5.90 11.50 -26.80
C VAL A 512 -4.93 12.24 -25.89
N ILE A 513 -4.27 11.53 -24.96
CA ILE A 513 -3.32 12.12 -24.01
C ILE A 513 -1.90 11.54 -24.23
N TYR A 514 -0.90 12.34 -23.90
CA TYR A 514 0.51 11.99 -24.10
C TYR A 514 1.40 12.74 -23.10
N PRO A 515 1.12 12.60 -21.79
CA PRO A 515 1.90 13.33 -20.79
C PRO A 515 3.36 12.89 -20.79
N ALA A 516 4.27 13.84 -20.67
CA ALA A 516 5.70 13.55 -20.68
C ALA A 516 6.33 13.91 -19.36
N VAL A 517 7.55 13.43 -19.18
CA VAL A 517 8.45 13.83 -18.09
C VAL A 517 9.16 15.02 -18.76
N GLU A 518 8.97 16.24 -18.23
CA GLU A 518 9.44 17.42 -18.92
C GLU A 518 10.32 18.37 -18.12
N GLY A 519 10.86 17.93 -17.00
CA GLY A 519 11.78 18.76 -16.21
C GLY A 519 11.17 19.56 -15.10
N ARG A 520 9.95 19.23 -14.68
CA ARG A 520 9.27 19.92 -13.58
C ARG A 520 10.02 19.65 -12.28
N ILE A 521 10.65 18.48 -12.15
CA ILE A 521 11.42 18.11 -10.98
C ILE A 521 12.76 17.62 -11.49
N LYS A 522 13.83 18.23 -10.99
CA LYS A 522 15.19 17.82 -11.35
C LYS A 522 16.06 17.65 -10.11
N PHE A 523 17.16 16.92 -10.28
CA PHE A 523 18.15 16.64 -9.27
C PHE A 523 19.51 17.15 -9.74
N SER A 524 20.20 17.96 -8.95
CA SER A 524 21.50 18.52 -9.35
C SER A 524 22.65 17.51 -9.17
N LEU A 525 23.83 17.84 -9.76
CA LEU A 525 25.07 17.04 -9.64
C LEU A 525 25.82 17.50 -8.35
N GLU A 526 26.79 18.45 -8.42
CA GLU A 526 27.51 19.00 -7.25
C GLU A 526 28.14 17.90 -6.35
#